data_4MJH
#
_entry.id   4MJH
#
_cell.length_a   31.280
_cell.length_b   48.960
_cell.length_c   57.540
_cell.angle_alpha   90.000
_cell.angle_beta   99.950
_cell.angle_gamma   90.000
#
_symmetry.space_group_name_H-M   'P 1 21 1'
#
loop_
_entity.id
_entity.type
_entity.pdbx_description
1 polymer 'Heat shock protein beta-1'
2 polymer 'Heat shock protein beta-1'
3 water water
#
loop_
_entity_poly.entity_id
_entity_poly.type
_entity_poly.pdbx_seq_one_letter_code
_entity_poly.pdbx_strand_id
1 'polypeptide(L)'
;GVSEIRHTADRWRVSLDVNHFAPDELTVKTKDGVVEITGKHEERQDEHGYISRCFTRKYTLPPGVDPTQVSSSLSPEGTL
TVEAPMPKLATQS
;
A,C
2 'polypeptide(L)' ITIPVTFE B,D
#
# COMPACT_ATOMS: atom_id res chain seq x y z
N VAL A 2 10.45 4.18 3.67
CA VAL A 2 9.20 3.62 4.17
C VAL A 2 9.44 2.66 5.34
N SER A 3 10.56 1.97 5.31
CA SER A 3 10.85 0.98 6.32
C SER A 3 12.24 1.23 6.86
N GLU A 4 12.41 1.08 8.16
CA GLU A 4 13.71 1.29 8.76
C GLU A 4 14.05 0.18 9.73
N ILE A 5 15.23 -0.39 9.56
CA ILE A 5 15.74 -1.36 10.51
C ILE A 5 16.48 -0.62 11.59
N ARG A 6 16.04 -0.79 12.83
CA ARG A 6 16.54 0.02 13.91
C ARG A 6 16.91 -0.82 15.11
N HIS A 7 17.61 -1.92 14.88
CA HIS A 7 17.95 -2.82 15.96
C HIS A 7 18.88 -2.08 16.89
N THR A 8 18.74 -2.35 18.17
CA THR A 8 19.68 -1.87 19.14
C THR A 8 20.43 -3.05 19.72
N ALA A 9 21.51 -2.77 20.41
CA ALA A 9 22.24 -3.80 21.10
C ALA A 9 21.30 -4.55 22.01
N ASP A 10 21.09 -5.81 21.67
CA ASP A 10 20.13 -6.65 22.37
C ASP A 10 18.71 -6.05 22.49
N ARG A 11 18.20 -5.59 21.34
CA ARG A 11 16.77 -5.30 21.18
C ARG A 11 16.38 -5.12 19.72
N TRP A 12 15.59 -6.05 19.20
CA TRP A 12 15.13 -6.06 17.82
C TRP A 12 14.11 -4.96 17.58
N ARG A 13 14.33 -4.16 16.53
CA ARG A 13 13.46 -3.00 16.32
C ARG A 13 13.34 -2.55 14.87
N VAL A 14 12.10 -2.46 14.39
CA VAL A 14 11.83 -1.99 13.03
C VAL A 14 10.82 -0.86 13.00
N SER A 15 10.98 0.03 12.02
CA SER A 15 10.05 1.12 11.80
C SER A 15 9.46 1.08 10.40
N LEU A 16 8.24 1.57 10.29
CA LEU A 16 7.49 1.46 9.04
C LEU A 16 6.59 2.66 8.83
N ASP A 17 6.65 3.25 7.65
CA ASP A 17 5.80 4.39 7.31
C ASP A 17 4.40 3.96 6.91
N VAL A 18 3.43 4.25 7.76
CA VAL A 18 2.05 3.86 7.53
C VAL A 18 1.11 5.04 7.64
N ASN A 19 1.55 6.19 7.15
CA ASN A 19 0.83 7.45 7.31
C ASN A 19 -0.55 7.48 6.67
N HIS A 20 -0.78 6.59 5.73
CA HIS A 20 -2.05 6.57 5.03
C HIS A 20 -3.13 5.82 5.79
N PHE A 21 -2.74 5.15 6.88
CA PHE A 21 -3.67 4.31 7.60
C PHE A 21 -4.01 4.87 8.98
N ALA A 22 -5.16 4.45 9.49
CA ALA A 22 -5.58 4.85 10.82
C ALA A 22 -5.23 3.73 11.79
N PRO A 23 -5.06 4.06 13.08
CA PRO A 23 -4.69 3.08 14.10
C PRO A 23 -5.54 1.83 14.06
N ASP A 24 -6.81 1.98 13.73
CA ASP A 24 -7.70 0.84 13.71
C ASP A 24 -7.62 0.10 12.39
N GLU A 25 -6.87 0.65 11.46
CA GLU A 25 -6.72 0.02 10.16
C GLU A 25 -5.47 -0.82 10.11
N LEU A 26 -4.76 -0.88 11.23
CA LEU A 26 -3.52 -1.60 11.28
C LEU A 26 -3.62 -2.80 12.18
N THR A 27 -2.87 -3.84 11.81
CA THR A 27 -2.87 -5.08 12.56
C THR A 27 -1.45 -5.59 12.68
N VAL A 28 -1.02 -5.87 13.90
CA VAL A 28 0.30 -6.43 14.12
C VAL A 28 0.19 -7.80 14.76
N LYS A 29 0.75 -8.79 14.09
CA LYS A 29 0.51 -10.18 14.45
C LYS A 29 1.85 -10.89 14.51
N THR A 30 2.03 -11.75 15.51
CA THR A 30 3.31 -12.40 15.68
C THR A 30 3.19 -13.90 15.88
N LYS A 31 4.02 -14.64 15.18
CA LYS A 31 4.00 -16.11 15.22
C LYS A 31 5.26 -16.74 14.66
N ASP A 32 5.84 -17.64 15.45
CA ASP A 32 7.04 -18.41 15.10
C ASP A 32 8.12 -17.67 14.32
N GLY A 33 8.78 -16.74 14.98
CA GLY A 33 9.86 -16.03 14.34
C GLY A 33 9.43 -15.11 13.23
N VAL A 34 8.15 -14.75 13.23
CA VAL A 34 7.64 -13.86 12.20
C VAL A 34 6.79 -12.77 12.79
N VAL A 35 7.13 -11.52 12.51
CA VAL A 35 6.20 -10.46 12.84
C VAL A 35 5.50 -10.03 11.58
N GLU A 36 4.22 -9.73 11.71
CA GLU A 36 3.36 -9.58 10.57
C GLU A 36 2.53 -8.31 10.72
N ILE A 37 2.68 -7.40 9.78
CA ILE A 37 1.94 -6.15 9.83
C ILE A 37 1.01 -6.05 8.64
N THR A 38 -0.25 -5.83 8.93
CA THR A 38 -1.25 -5.59 7.91
C THR A 38 -1.87 -4.20 8.05
N GLY A 39 -1.87 -3.46 6.96
CA GLY A 39 -2.60 -2.21 6.87
C GLY A 39 -3.70 -2.39 5.87
N LYS A 40 -4.89 -1.90 6.19
CA LYS A 40 -6.04 -2.15 5.35
C LYS A 40 -7.21 -1.22 5.65
N HIS A 41 -7.73 -0.58 4.62
CA HIS A 41 -8.99 0.12 4.76
C HIS A 41 -9.87 -0.10 3.55
N GLU A 42 -11.17 0.04 3.76
CA GLU A 42 -12.17 -0.19 2.73
C GLU A 42 -12.25 1.07 1.87
N GLU A 43 -12.90 0.97 0.71
CA GLU A 43 -13.03 2.08 -0.19
C GLU A 43 -13.57 3.28 0.53
N ARG A 44 -12.87 4.39 0.40
CA ARG A 44 -13.34 5.62 0.99
C ARG A 44 -12.85 6.80 0.20
N GLN A 45 -13.52 7.92 0.36
CA GLN A 45 -13.16 9.13 -0.34
C GLN A 45 -11.88 9.71 0.17
N ASP A 46 -11.08 10.22 -0.75
CA ASP A 46 -10.02 11.15 -0.44
C ASP A 46 -10.21 12.31 -1.38
N GLU A 47 -9.21 13.15 -1.52
CA GLU A 47 -9.40 14.36 -2.30
C GLU A 47 -9.66 14.05 -3.75
N HIS A 48 -8.97 13.05 -4.26
CA HIS A 48 -9.06 12.76 -5.68
C HIS A 48 -10.10 11.71 -6.04
N GLY A 49 -10.66 11.06 -5.03
CA GLY A 49 -11.71 10.11 -5.27
C GLY A 49 -11.74 8.99 -4.25
N TYR A 50 -12.11 7.81 -4.70
CA TYR A 50 -12.26 6.68 -3.79
C TYR A 50 -11.05 5.77 -3.83
N ILE A 51 -10.42 5.61 -2.68
CA ILE A 51 -9.25 4.76 -2.59
C ILE A 51 -9.44 3.66 -1.56
N SER A 52 -8.95 2.46 -1.87
CA SER A 52 -8.91 1.38 -0.92
C SER A 52 -7.53 0.75 -0.90
N ARG A 53 -6.98 0.57 0.28
CA ARG A 53 -5.62 0.07 0.41
C ARG A 53 -5.49 -1.22 1.22
N CYS A 54 -4.53 -2.06 0.83
CA CYS A 54 -4.15 -3.22 1.63
C CYS A 54 -2.67 -3.50 1.49
N PHE A 55 -2.03 -3.85 2.61
CA PHE A 55 -0.66 -4.34 2.55
C PHE A 55 -0.39 -5.30 3.68
N THR A 56 0.47 -6.27 3.42
CA THR A 56 0.95 -7.14 4.47
C THR A 56 2.46 -7.17 4.49
N ARG A 57 3.03 -6.80 5.63
CA ARG A 57 4.48 -6.81 5.78
C ARG A 57 5.00 -7.80 6.84
N LYS A 58 5.84 -8.73 6.40
CA LYS A 58 6.39 -9.72 7.29
C LYS A 58 7.88 -9.55 7.55
N TYR A 59 8.25 -9.44 8.83
CA TYR A 59 9.67 -9.44 9.23
C TYR A 59 10.04 -10.74 9.92
N THR A 60 11.23 -11.24 9.62
CA THR A 60 11.71 -12.43 10.28
C THR A 60 12.22 -12.06 11.66
N LEU A 61 11.77 -12.80 12.67
CA LEU A 61 12.24 -12.60 14.01
C LEU A 61 13.40 -13.52 14.30
N PRO A 62 14.47 -12.97 14.87
CA PRO A 62 15.66 -13.73 15.22
C PRO A 62 15.34 -14.82 16.23
N PRO A 63 16.13 -15.89 16.22
CA PRO A 63 15.90 -17.00 17.14
C PRO A 63 16.12 -16.58 18.59
N GLY A 64 15.31 -17.12 19.48
CA GLY A 64 15.41 -16.81 20.87
C GLY A 64 14.39 -15.78 21.27
N VAL A 65 14.04 -14.90 20.34
CA VAL A 65 13.06 -13.86 20.61
C VAL A 65 11.68 -14.43 20.87
N ASP A 66 11.05 -13.94 21.93
CA ASP A 66 9.76 -14.45 22.36
C ASP A 66 8.64 -13.52 21.88
N PRO A 67 7.78 -14.02 20.99
CA PRO A 67 6.63 -13.31 20.42
C PRO A 67 5.63 -12.79 21.45
N THR A 68 5.78 -13.23 22.69
CA THR A 68 5.02 -12.66 23.79
C THR A 68 5.53 -11.27 24.07
N GLN A 69 6.79 -11.03 23.74
CA GLN A 69 7.44 -9.79 24.12
C GLN A 69 7.34 -8.71 23.05
N VAL A 70 6.82 -9.07 21.89
CA VAL A 70 6.69 -8.12 20.80
C VAL A 70 5.65 -7.06 21.07
N SER A 71 6.04 -5.80 20.90
CA SER A 71 5.11 -4.69 21.12
C SER A 71 5.16 -3.69 19.97
N SER A 72 4.22 -2.77 19.97
CA SER A 72 4.14 -1.76 18.92
C SER A 72 3.70 -0.41 19.43
N SER A 73 3.86 0.58 18.56
CA SER A 73 3.44 1.94 18.85
C SER A 73 3.39 2.75 17.56
N LEU A 74 2.46 3.70 17.50
CA LEU A 74 2.30 4.54 16.34
C LEU A 74 2.68 5.96 16.69
N SER A 75 3.54 6.54 15.88
CA SER A 75 3.87 7.94 16.01
C SER A 75 2.74 8.75 15.40
N PRO A 76 2.54 9.98 15.88
CA PRO A 76 1.56 10.94 15.35
C PRO A 76 1.72 11.15 13.86
N GLU A 77 2.94 10.99 13.36
CA GLU A 77 3.21 11.20 11.95
C GLU A 77 3.16 9.91 11.15
N GLY A 78 2.42 8.92 11.65
CA GLY A 78 2.13 7.72 10.91
C GLY A 78 3.30 6.77 10.69
N THR A 79 4.14 6.61 11.71
CA THR A 79 5.23 5.67 11.63
C THR A 79 5.00 4.62 12.70
N LEU A 80 4.90 3.38 12.26
CA LEU A 80 4.67 2.28 13.17
C LEU A 80 5.98 1.62 13.54
N THR A 81 6.13 1.38 14.84
CA THR A 81 7.32 0.75 15.33
C THR A 81 6.98 -0.56 15.98
N VAL A 82 7.77 -1.58 15.71
CA VAL A 82 7.63 -2.87 16.36
C VAL A 82 8.94 -3.27 17.00
N GLU A 83 8.95 -3.39 18.32
CA GLU A 83 10.16 -3.79 19.02
C GLU A 83 10.01 -5.03 19.86
N ALA A 84 11.16 -5.59 20.21
CA ALA A 84 11.23 -6.77 21.02
C ALA A 84 12.62 -6.85 21.63
N PRO A 85 12.70 -7.26 22.89
CA PRO A 85 13.97 -7.38 23.55
C PRO A 85 14.57 -8.74 23.29
N MET A 86 15.88 -8.86 23.50
CA MET A 86 16.53 -10.16 23.35
C MET A 86 16.54 -10.88 24.70
N PRO A 87 16.66 -12.21 24.68
CA PRO A 87 16.75 -12.98 25.91
C PRO A 87 17.98 -12.57 26.69
N ILE B 1 0.37 6.58 19.82
CA ILE B 1 -0.68 5.58 19.96
C ILE B 1 -0.08 4.23 20.22
N THR B 2 -0.55 3.56 21.26
CA THR B 2 0.12 2.39 21.76
C THR B 2 -0.55 1.11 21.29
N ILE B 3 -0.28 0.75 20.03
CA ILE B 3 -1.00 -0.35 19.40
C ILE B 3 -0.61 -1.73 19.94
N PRO B 4 -1.61 -2.59 20.15
CA PRO B 4 -1.42 -3.92 20.71
C PRO B 4 -1.03 -4.94 19.65
N VAL B 5 -0.49 -6.06 20.11
CA VAL B 5 0.00 -7.11 19.22
C VAL B 5 -0.67 -8.45 19.48
N THR B 6 -1.11 -9.11 18.41
CA THR B 6 -1.80 -10.38 18.48
C THR B 6 -0.82 -11.54 18.35
N PHE B 7 -0.91 -12.50 19.27
CA PHE B 7 0.04 -13.59 19.30
C PHE B 7 -0.54 -14.86 18.74
N SER C 3 0.08 12.05 -8.88
CA SER C 3 -0.95 11.59 -7.96
C SER C 3 -2.12 12.58 -7.89
N GLU C 4 -2.27 13.37 -8.93
CA GLU C 4 -3.30 14.40 -8.95
C GLU C 4 -4.18 14.25 -10.17
N ILE C 5 -5.08 15.21 -10.36
CA ILE C 5 -5.93 15.21 -11.53
C ILE C 5 -5.82 16.52 -12.26
N ARG C 6 -5.53 16.45 -13.55
CA ARG C 6 -5.35 17.66 -14.33
C ARG C 6 -6.27 17.71 -15.53
N ARG C 11 -8.52 18.21 -22.34
CA ARG C 11 -8.50 16.78 -22.05
C ARG C 11 -8.50 16.49 -20.55
N TRP C 12 -8.90 15.28 -20.20
CA TRP C 12 -8.98 14.85 -18.82
C TRP C 12 -7.89 13.85 -18.53
N ARG C 13 -7.16 14.05 -17.44
CA ARG C 13 -6.05 13.17 -17.13
C ARG C 13 -5.79 13.06 -15.63
N VAL C 14 -5.25 11.92 -15.23
CA VAL C 14 -4.92 11.70 -13.83
C VAL C 14 -3.52 11.14 -13.67
N SER C 15 -2.78 11.66 -12.71
CA SER C 15 -1.48 11.13 -12.38
C SER C 15 -1.60 10.23 -11.17
N LEU C 16 -0.66 9.30 -11.03
CA LEU C 16 -0.73 8.33 -9.98
C LEU C 16 0.59 7.59 -9.82
N ASP C 17 1.02 7.48 -8.58
CA ASP C 17 2.28 6.83 -8.26
C ASP C 17 2.05 5.36 -7.93
N VAL C 18 2.62 4.49 -8.75
CA VAL C 18 2.47 3.06 -8.53
C VAL C 18 3.83 2.37 -8.66
N ASN C 19 4.86 3.05 -8.18
CA ASN C 19 6.24 2.61 -8.32
C ASN C 19 6.49 1.19 -7.86
N HIS C 20 5.73 0.75 -6.88
CA HIS C 20 5.95 -0.55 -6.32
C HIS C 20 5.22 -1.61 -7.10
N PHE C 21 4.63 -1.21 -8.21
CA PHE C 21 3.89 -2.19 -8.98
C PHE C 21 4.42 -2.33 -10.40
N ALA C 22 4.26 -3.53 -10.93
CA ALA C 22 4.71 -3.86 -12.26
C ALA C 22 3.52 -3.84 -13.19
N PRO C 23 3.75 -3.56 -14.48
CA PRO C 23 2.72 -3.53 -15.52
C PRO C 23 1.71 -4.67 -15.47
N ASP C 24 2.14 -5.88 -15.11
CA ASP C 24 1.21 -7.00 -15.04
C ASP C 24 0.51 -7.07 -13.68
N GLU C 25 0.85 -6.14 -12.81
CA GLU C 25 0.24 -6.10 -11.50
C GLU C 25 -0.78 -4.98 -11.45
N LEU C 26 -0.85 -4.21 -12.53
CA LEU C 26 -1.79 -3.12 -12.65
C LEU C 26 -2.89 -3.46 -13.64
N THR C 27 -4.09 -2.97 -13.38
CA THR C 27 -5.14 -3.02 -14.38
C THR C 27 -5.95 -1.74 -14.39
N VAL C 28 -6.41 -1.35 -15.57
CA VAL C 28 -7.29 -0.19 -15.68
C VAL C 28 -8.62 -0.56 -16.33
N LYS C 29 -9.73 -0.20 -15.68
CA LYS C 29 -11.03 -0.49 -16.25
C LYS C 29 -12.04 0.64 -16.13
N THR C 30 -12.87 0.78 -17.16
CA THR C 30 -13.91 1.80 -17.17
C THR C 30 -15.30 1.17 -17.15
N LYS C 31 -16.06 1.51 -16.12
CA LYS C 31 -17.44 1.09 -16.03
C LYS C 31 -18.26 2.26 -15.53
N ASP C 32 -19.38 2.52 -16.17
CA ASP C 32 -20.38 3.44 -15.63
C ASP C 32 -19.84 4.82 -15.32
N GLY C 33 -19.06 5.38 -16.24
CA GLY C 33 -18.56 6.72 -16.06
C GLY C 33 -17.57 6.79 -14.92
N VAL C 34 -16.91 5.66 -14.69
CA VAL C 34 -15.98 5.54 -13.59
C VAL C 34 -14.81 4.74 -14.08
N VAL C 35 -13.60 5.29 -13.96
CA VAL C 35 -12.44 4.48 -14.23
C VAL C 35 -11.91 3.93 -12.92
N GLU C 36 -11.57 2.65 -12.96
CA GLU C 36 -11.12 1.96 -11.77
C GLU C 36 -9.72 1.47 -12.01
N ILE C 37 -8.82 1.86 -11.12
CA ILE C 37 -7.43 1.42 -11.22
C ILE C 37 -7.08 0.51 -10.07
N THR C 38 -6.60 -0.68 -10.40
CA THR C 38 -6.22 -1.66 -9.41
C THR C 38 -4.78 -2.11 -9.59
N GLY C 39 -4.03 -2.08 -8.49
CA GLY C 39 -2.66 -2.55 -8.50
C GLY C 39 -2.48 -3.60 -7.43
N LYS C 40 -2.12 -4.81 -7.83
CA LYS C 40 -1.96 -5.88 -6.87
C LYS C 40 -0.74 -6.73 -7.13
N HIS C 41 0.07 -6.89 -6.10
CA HIS C 41 1.14 -7.86 -6.18
C HIS C 41 1.11 -8.78 -4.97
N GLU C 42 1.24 -10.07 -5.23
CA GLU C 42 1.28 -11.04 -4.18
C GLU C 42 2.60 -10.91 -3.44
N GLU C 43 2.72 -11.60 -2.31
CA GLU C 43 3.84 -11.44 -1.41
C GLU C 43 5.17 -11.67 -2.11
N ARG C 44 6.03 -10.66 -2.05
CA ARG C 44 7.36 -10.81 -2.61
C ARG C 44 8.41 -10.25 -1.67
N GLN C 45 9.57 -10.88 -1.70
CA GLN C 45 10.68 -10.54 -0.83
C GLN C 45 11.20 -9.17 -1.20
N ASP C 46 11.61 -8.40 -0.22
CA ASP C 46 12.25 -7.13 -0.51
C ASP C 46 13.46 -7.00 0.38
N GLU C 47 13.93 -5.79 0.58
CA GLU C 47 15.14 -5.58 1.35
C GLU C 47 14.94 -5.86 2.83
N HIS C 48 13.70 -5.77 3.29
CA HIS C 48 13.43 -5.89 4.71
C HIS C 48 12.69 -7.15 5.11
N GLY C 49 11.98 -7.74 4.17
CA GLY C 49 11.25 -8.96 4.45
C GLY C 49 10.34 -9.34 3.32
N TYR C 50 9.09 -9.59 3.64
CA TYR C 50 8.13 -9.91 2.61
C TYR C 50 7.02 -8.90 2.58
N ILE C 51 6.60 -8.53 1.37
CA ILE C 51 5.56 -7.54 1.23
C ILE C 51 4.57 -7.88 0.13
N SER C 52 3.29 -7.68 0.44
CA SER C 52 2.23 -7.79 -0.54
C SER C 52 1.40 -6.52 -0.49
N ARG C 53 1.08 -5.98 -1.65
CA ARG C 53 0.34 -4.73 -1.73
C ARG C 53 -0.87 -4.82 -2.62
N CYS C 54 -1.90 -4.06 -2.28
CA CYS C 54 -3.07 -3.95 -3.15
C CYS C 54 -3.76 -2.61 -2.98
N PHE C 55 -4.16 -2.01 -4.09
CA PHE C 55 -5.02 -0.84 -4.00
C PHE C 55 -6.04 -0.82 -5.11
N THR C 56 -7.12 -0.10 -4.87
CA THR C 56 -8.08 0.21 -5.91
C THR C 56 -8.44 1.67 -5.85
N ARG C 57 -8.30 2.33 -6.99
CA ARG C 57 -8.54 3.74 -7.10
C ARG C 57 -9.59 4.01 -8.15
N LYS C 58 -10.60 4.78 -7.78
CA LYS C 58 -11.69 5.10 -8.67
C LYS C 58 -11.77 6.59 -8.95
N TYR C 59 -12.04 6.91 -10.21
CA TYR C 59 -12.28 8.28 -10.61
C TYR C 59 -13.56 8.35 -11.41
N THR C 60 -14.34 9.39 -11.18
CA THR C 60 -15.52 9.63 -11.99
C THR C 60 -15.12 10.40 -13.22
N LEU C 61 -15.55 9.92 -14.37
CA LEU C 61 -15.24 10.57 -15.62
C LEU C 61 -16.14 11.77 -15.82
N PRO C 62 -15.57 12.86 -16.31
CA PRO C 62 -16.34 14.05 -16.66
C PRO C 62 -17.28 13.75 -17.80
N PRO C 63 -18.45 14.39 -17.81
CA PRO C 63 -19.60 14.14 -18.69
C PRO C 63 -19.29 14.02 -20.18
N GLY C 64 -18.48 14.91 -20.71
CA GLY C 64 -18.20 14.87 -22.13
C GLY C 64 -17.46 13.62 -22.56
N VAL C 65 -16.64 13.09 -21.66
CA VAL C 65 -15.69 12.04 -21.99
C VAL C 65 -16.30 10.75 -22.53
N ASP C 66 -15.76 10.30 -23.64
CA ASP C 66 -16.15 9.03 -24.22
C ASP C 66 -15.40 7.91 -23.54
N PRO C 67 -16.13 6.92 -23.02
CA PRO C 67 -15.51 5.84 -22.27
C PRO C 67 -14.61 4.97 -23.12
N THR C 68 -14.82 4.95 -24.43
CA THR C 68 -14.07 4.05 -25.27
C THR C 68 -12.74 4.62 -25.69
N GLN C 69 -12.55 5.91 -25.45
CA GLN C 69 -11.37 6.61 -25.91
C GLN C 69 -10.32 6.72 -24.84
N VAL C 70 -10.67 6.31 -23.63
CA VAL C 70 -9.80 6.45 -22.47
C VAL C 70 -8.57 5.58 -22.61
N SER C 71 -7.40 6.16 -22.45
CA SER C 71 -6.17 5.41 -22.64
C SER C 71 -5.31 5.48 -21.41
N SER C 72 -4.36 4.55 -21.30
CA SER C 72 -3.49 4.49 -20.13
C SER C 72 -2.05 4.22 -20.49
N SER C 73 -1.14 4.76 -19.71
CA SER C 73 0.27 4.51 -19.90
C SER C 73 1.03 4.61 -18.60
N LEU C 74 1.88 3.63 -18.35
CA LEU C 74 2.70 3.64 -17.16
C LEU C 74 4.10 4.09 -17.48
N SER C 75 4.54 5.14 -16.79
CA SER C 75 5.92 5.58 -16.93
C SER C 75 6.83 4.50 -16.39
N PRO C 76 8.04 4.38 -16.95
CA PRO C 76 8.93 3.32 -16.51
C PRO C 76 9.51 3.54 -15.12
N GLU C 77 9.52 4.77 -14.62
CA GLU C 77 10.00 5.01 -13.26
C GLU C 77 8.87 5.00 -12.23
N GLY C 78 7.71 4.50 -12.64
CA GLY C 78 6.65 4.17 -11.69
C GLY C 78 5.52 5.16 -11.47
N THR C 79 5.15 5.88 -12.52
CA THR C 79 4.02 6.80 -12.44
C THR C 79 3.01 6.47 -13.53
N LEU C 80 1.78 6.21 -13.12
CA LEU C 80 0.73 5.81 -14.03
C LEU C 80 -0.17 6.97 -14.38
N THR C 81 -0.43 7.14 -15.65
CA THR C 81 -1.31 8.19 -16.06
C THR C 81 -2.49 7.59 -16.78
N VAL C 82 -3.64 8.22 -16.63
CA VAL C 82 -4.82 7.83 -17.36
C VAL C 82 -5.42 9.08 -17.92
N GLU C 83 -5.77 9.06 -19.19
CA GLU C 83 -6.17 10.26 -19.87
C GLU C 83 -7.24 10.04 -20.93
N ALA C 84 -8.00 11.08 -21.17
CA ALA C 84 -9.02 11.09 -22.20
C ALA C 84 -9.28 12.54 -22.58
N PRO C 85 -9.83 12.76 -23.77
CA PRO C 85 -10.17 14.11 -24.19
C PRO C 85 -11.67 14.35 -24.25
N MET C 86 -12.07 15.61 -24.22
CA MET C 86 -13.48 15.96 -24.35
C MET C 86 -13.68 16.98 -25.48
N ILE D 1 5.37 2.97 -21.44
CA ILE D 1 4.77 1.64 -21.46
C ILE D 1 3.25 1.76 -21.46
N THR D 2 2.67 1.65 -22.64
CA THR D 2 1.24 1.92 -22.81
C THR D 2 0.35 0.75 -22.42
N ILE D 3 -0.09 0.78 -21.16
CA ILE D 3 -0.94 -0.25 -20.55
C ILE D 3 -2.38 -0.30 -21.10
N PRO D 4 -2.93 -1.50 -21.26
CA PRO D 4 -4.28 -1.65 -21.78
C PRO D 4 -5.35 -0.98 -20.93
N VAL D 5 -6.55 -0.83 -21.48
CA VAL D 5 -7.73 -0.40 -20.74
C VAL D 5 -8.95 -1.15 -21.24
N THR D 6 -9.54 -1.96 -20.37
CA THR D 6 -10.72 -2.71 -20.76
C THR D 6 -11.96 -2.02 -20.26
N PHE D 7 -13.07 -2.25 -20.94
CA PHE D 7 -14.31 -1.55 -20.66
C PHE D 7 -15.45 -2.52 -20.37
#